data_6QQX
#
_entry.id   6QQX
#
_cell.length_a   74.614
_cell.length_b   78.220
_cell.length_c   86.471
_cell.angle_alpha   90.000
_cell.angle_beta   90.000
_cell.angle_gamma   90.000
#
_symmetry.space_group_name_H-M   'P 21 21 21'
#
loop_
_entity.id
_entity.type
_entity.pdbx_description
1 polymer 'tRNA (guanine-N(1)-)-methyltransferase'
2 non-polymer 5-[1-(pyridin-2-ylmethyl)indol-6-yl]-1~{H}-pyrazol-3-amine
3 non-polymer 'SULFATE ION'
4 water water
#
_entity_poly.entity_id   1
_entity_poly.type   'polypeptide(L)'
_entity_poly.pdbx_seq_one_letter_code
;GSMKIDVVTIFPEYLQPVRQSLPGKAIDAGLVDVAVHDLRRWTHDVHKSVDDSPYGGGPGMVMKPTVWGDALDEICTSET
LLVVPTPAGYPFTQETAWQWSTEDHLVIACGRYEGIDQRVADDAATRMRVREVSIGDYVLNGGEAAALVIIEAVLRLVPG
VLGNALSAQEDSHSEGMASLLEGPSYTRPPSWRGMDVPPVLLSGDHAKIAAWRAEQSRQRTIERRPDLLGFDSPTGEHGG
DGLS
;
_entity_poly.pdbx_strand_id   A,B
#
loop_
_chem_comp.id
_chem_comp.type
_chem_comp.name
_chem_comp.formula
JCE non-polymer 5-[1-(pyridin-2-ylmethyl)indol-6-yl]-1~{H}-pyrazol-3-amine 'C17 H15 N5'
SO4 non-polymer 'SULFATE ION' 'O4 S -2'
#
# COMPACT_ATOMS: atom_id res chain seq x y z
N SER A 2 -24.21 0.36 -2.45
CA SER A 2 -24.07 0.20 -0.97
C SER A 2 -23.01 -0.85 -0.62
N MET A 3 -22.08 -0.47 0.25
CA MET A 3 -20.97 -1.34 0.65
C MET A 3 -20.71 -1.30 2.15
N LYS A 4 -20.55 -2.49 2.73
CA LYS A 4 -20.10 -2.65 4.12
C LYS A 4 -18.69 -3.23 4.13
N ILE A 5 -17.79 -2.56 4.84
CA ILE A 5 -16.42 -3.02 5.03
C ILE A 5 -16.15 -3.25 6.52
N ASP A 6 -15.80 -4.49 6.86
CA ASP A 6 -15.37 -4.85 8.20
C ASP A 6 -13.88 -5.17 8.22
N VAL A 7 -13.16 -4.57 9.15
CA VAL A 7 -11.72 -4.81 9.32
C VAL A 7 -11.47 -5.42 10.70
N VAL A 8 -10.81 -6.58 10.71
CA VAL A 8 -10.49 -7.28 11.96
C VAL A 8 -8.98 -7.25 12.17
N THR A 9 -8.55 -6.67 13.29
CA THR A 9 -7.13 -6.41 13.58
C THR A 9 -6.84 -6.32 15.09
N ILE A 10 -5.60 -6.62 15.46
CA ILE A 10 -5.14 -6.40 16.84
C ILE A 10 -4.73 -4.95 17.10
N PHE A 11 -4.57 -4.18 16.02
CA PHE A 11 -4.36 -2.73 16.11
C PHE A 11 -5.49 -1.96 15.41
N PRO A 12 -6.65 -1.77 16.10
CA PRO A 12 -7.78 -1.05 15.48
C PRO A 12 -7.54 0.45 15.26
N GLU A 13 -6.56 1.02 15.97
CA GLU A 13 -6.19 2.43 15.83
C GLU A 13 -5.50 2.76 14.50
N TYR A 14 -4.89 1.75 13.88
CA TYR A 14 -4.23 1.88 12.57
C TYR A 14 -5.23 2.23 11.47
N LEU A 15 -6.47 1.80 11.65
CA LEU A 15 -7.55 2.03 10.69
C LEU A 15 -8.37 3.29 10.99
N GLN A 16 -7.76 4.25 11.68
CA GLN A 16 -8.38 5.55 11.96
C GLN A 16 -8.34 6.52 10.76
N PRO A 17 -7.25 6.52 9.93
CA PRO A 17 -7.22 7.29 8.68
C PRO A 17 -8.46 7.16 7.80
N VAL A 18 -8.88 5.92 7.50
CA VAL A 18 -10.01 5.65 6.60
C VAL A 18 -11.35 6.21 7.12
N ARG A 19 -11.67 5.93 8.38
CA ARG A 19 -12.90 6.41 9.03
C ARG A 19 -12.97 7.95 9.11
N GLN A 20 -11.80 8.58 9.24
CA GLN A 20 -11.67 10.04 9.23
C GLN A 20 -11.78 10.64 7.83
N SER A 21 -11.22 9.94 6.83
CA SER A 21 -11.20 10.41 5.44
C SER A 21 -12.54 10.28 4.70
N LEU A 22 -13.47 9.51 5.27
CA LEU A 22 -14.81 9.35 4.69
C LEU A 22 -15.66 10.60 4.90
N PRO A 23 -16.24 11.15 3.80
CA PRO A 23 -17.20 12.26 3.88
C PRO A 23 -18.51 11.84 4.54
N GLY A 24 -19.12 12.76 5.28
CA GLY A 24 -20.38 12.53 5.99
C GLY A 24 -21.55 12.20 5.08
N LYS A 25 -21.56 12.81 3.89
CA LYS A 25 -22.60 12.61 2.88
C LYS A 25 -22.70 11.18 2.35
N ALA A 26 -21.56 10.48 2.30
CA ALA A 26 -21.50 9.08 1.85
C ALA A 26 -22.05 8.11 2.89
N ILE A 27 -21.80 8.41 4.17
CA ILE A 27 -22.31 7.61 5.30
C ILE A 27 -23.83 7.81 5.45
N ASP A 28 -24.27 9.06 5.35
CA ASP A 28 -25.68 9.45 5.49
C ASP A 28 -26.58 8.93 4.36
N ALA A 29 -26.01 8.77 3.17
CA ALA A 29 -26.73 8.22 2.00
C ALA A 29 -26.75 6.69 1.97
N GLY A 30 -26.02 6.06 2.91
CA GLY A 30 -25.95 4.60 3.03
C GLY A 30 -25.14 3.93 1.95
N LEU A 31 -24.15 4.65 1.42
CA LEU A 31 -23.26 4.12 0.38
C LEU A 31 -22.09 3.31 0.96
N VAL A 32 -21.55 3.78 2.08
CA VAL A 32 -20.41 3.12 2.73
C VAL A 32 -20.54 3.08 4.26
N ASP A 33 -20.22 1.93 4.83
CA ASP A 33 -20.10 1.75 6.27
C ASP A 33 -18.85 0.93 6.58
N VAL A 34 -17.85 1.61 7.16
CA VAL A 34 -16.58 0.97 7.54
C VAL A 34 -16.55 0.79 9.06
N ALA A 35 -16.44 -0.47 9.48
CA ALA A 35 -16.36 -0.83 10.90
C ALA A 35 -15.07 -1.57 11.21
N VAL A 36 -14.40 -1.15 12.29
CA VAL A 36 -13.13 -1.75 12.73
C VAL A 36 -13.37 -2.54 14.01
N HIS A 37 -12.90 -3.79 14.02
CA HIS A 37 -13.09 -4.70 15.14
C HIS A 37 -11.76 -5.17 15.73
N ASP A 38 -11.64 -5.11 17.06
CA ASP A 38 -10.51 -5.64 17.79
C ASP A 38 -10.61 -7.17 17.81
N LEU A 39 -9.54 -7.85 17.40
CA LEU A 39 -9.49 -9.32 17.39
C LEU A 39 -9.55 -9.94 18.78
N ARG A 40 -9.08 -9.19 19.79
CA ARG A 40 -9.05 -9.65 21.19
C ARG A 40 -10.43 -9.77 21.83
N ARG A 41 -11.47 -9.32 21.12
CA ARG A 41 -12.87 -9.53 21.47
C ARG A 41 -13.26 -11.01 21.41
N TRP A 42 -12.58 -11.77 20.54
CA TRP A 42 -12.88 -13.18 20.31
C TRP A 42 -11.89 -14.17 20.93
N THR A 43 -11.00 -13.65 21.79
CA THR A 43 -10.05 -14.48 22.54
C THR A 43 -10.76 -15.27 23.64
N HIS A 44 -10.14 -16.38 24.05
CA HIS A 44 -10.75 -17.33 24.98
C HIS A 44 -10.17 -17.24 26.39
N ASP A 45 -8.86 -17.00 26.47
CA ASP A 45 -8.14 -16.97 27.74
C ASP A 45 -8.12 -15.59 28.40
N VAL A 46 -7.74 -15.57 29.68
CA VAL A 46 -7.64 -14.35 30.48
C VAL A 46 -6.53 -13.41 29.98
N HIS A 47 -5.47 -14.00 29.41
CA HIS A 47 -4.31 -13.26 28.87
C HIS A 47 -4.58 -12.66 27.48
N LYS A 48 -5.71 -13.06 26.88
CA LYS A 48 -6.16 -12.61 25.54
C LYS A 48 -5.13 -12.92 24.44
N SER A 49 -4.90 -14.22 24.23
CA SER A 49 -3.89 -14.73 23.31
C SER A 49 -4.41 -14.80 21.88
N VAL A 50 -3.68 -14.16 20.97
CA VAL A 50 -3.99 -14.19 19.53
C VAL A 50 -2.98 -15.05 18.73
N ASP A 51 -1.81 -15.30 19.33
CA ASP A 51 -0.73 -16.03 18.66
C ASP A 51 -0.18 -17.22 19.47
N ASP A 52 0.50 -18.12 18.77
CA ASP A 52 1.11 -19.33 19.34
C ASP A 52 2.26 -19.82 18.43
N SER A 53 3.06 -20.75 18.94
CA SER A 53 4.26 -21.26 18.25
C SER A 53 3.96 -22.08 16.98
N PRO A 54 4.76 -21.88 15.90
CA PRO A 54 4.58 -22.59 14.63
C PRO A 54 4.91 -24.09 14.70
N TYR A 55 4.06 -24.91 14.07
CA TYR A 55 4.30 -26.35 13.93
C TYR A 55 5.45 -26.61 12.95
N GLY A 56 6.36 -27.48 13.36
CA GLY A 56 7.56 -27.79 12.58
C GLY A 56 8.70 -26.81 12.80
N GLY A 57 8.65 -26.09 13.91
CA GLY A 57 9.68 -25.11 14.28
C GLY A 57 9.66 -23.85 13.44
N GLY A 58 10.72 -23.05 13.59
CA GLY A 58 10.89 -21.80 12.84
C GLY A 58 10.78 -20.55 13.70
N PRO A 59 11.31 -19.41 13.20
CA PRO A 59 11.23 -18.14 13.93
C PRO A 59 9.83 -17.51 13.87
N GLY A 60 9.57 -16.58 14.78
CA GLY A 60 8.29 -15.87 14.85
C GLY A 60 7.12 -16.72 15.33
N MET A 61 5.93 -16.15 15.27
CA MET A 61 4.71 -16.78 15.79
C MET A 61 3.59 -16.83 14.73
N VAL A 62 2.66 -17.76 14.92
CA VAL A 62 1.50 -17.92 14.03
C VAL A 62 0.23 -17.56 14.80
N MET A 63 -0.64 -16.77 14.17
CA MET A 63 -1.92 -16.39 14.75
C MET A 63 -2.89 -17.58 14.84
N LYS A 64 -3.56 -17.66 16.00
CA LYS A 64 -4.42 -18.80 16.37
C LYS A 64 -5.64 -18.95 15.47
N PRO A 65 -5.94 -20.20 15.02
CA PRO A 65 -7.14 -20.44 14.20
C PRO A 65 -8.44 -20.31 14.99
N THR A 66 -8.38 -20.61 16.29
CA THR A 66 -9.53 -20.61 17.18
C THR A 66 -10.15 -19.23 17.34
N VAL A 67 -9.29 -18.22 17.57
CA VAL A 67 -9.70 -16.82 17.75
C VAL A 67 -10.21 -16.22 16.44
N TRP A 68 -9.49 -16.46 15.35
CA TRP A 68 -9.86 -15.98 14.02
C TRP A 68 -11.15 -16.62 13.48
N GLY A 69 -11.31 -17.92 13.73
CA GLY A 69 -12.52 -18.66 13.36
C GLY A 69 -13.79 -18.11 13.98
N ASP A 70 -13.71 -17.74 15.26
CA ASP A 70 -14.82 -17.11 15.99
C ASP A 70 -15.18 -15.73 15.46
N ALA A 71 -14.16 -14.93 15.16
CA ALA A 71 -14.33 -13.57 14.63
C ALA A 71 -15.04 -13.57 13.28
N LEU A 72 -14.61 -14.47 12.39
CA LEU A 72 -15.17 -14.57 11.04
C LEU A 72 -16.57 -15.21 11.00
N ASP A 73 -16.84 -16.13 11.93
CA ASP A 73 -18.18 -16.72 12.06
C ASP A 73 -19.25 -15.69 12.40
N GLU A 74 -18.89 -14.73 13.25
CA GLU A 74 -19.78 -13.66 13.70
C GLU A 74 -19.98 -12.58 12.63
N ILE A 75 -18.90 -12.20 11.96
CA ILE A 75 -18.90 -11.06 11.03
C ILE A 75 -19.28 -11.46 9.59
N CYS A 76 -18.69 -12.54 9.08
CA CYS A 76 -18.92 -12.98 7.71
C CYS A 76 -20.25 -13.70 7.51
N THR A 77 -20.86 -13.46 6.35
CA THR A 77 -21.99 -14.23 5.85
C THR A 77 -21.51 -15.04 4.64
N SER A 78 -22.42 -15.75 3.97
CA SER A 78 -22.07 -16.51 2.75
C SER A 78 -21.86 -15.61 1.53
N GLU A 79 -22.34 -14.37 1.61
CA GLU A 79 -22.19 -13.37 0.54
C GLU A 79 -20.95 -12.49 0.71
N THR A 80 -20.22 -12.72 1.81
CA THR A 80 -19.00 -11.98 2.15
C THR A 80 -17.83 -12.39 1.25
N LEU A 81 -17.08 -11.38 0.78
CA LEU A 81 -15.79 -11.60 0.16
C LEU A 81 -14.69 -11.33 1.18
N LEU A 82 -13.99 -12.40 1.57
CA LEU A 82 -12.94 -12.32 2.58
C LEU A 82 -11.59 -11.96 1.98
N VAL A 83 -11.08 -10.79 2.38
CA VAL A 83 -9.78 -10.29 1.93
C VAL A 83 -8.75 -10.58 3.02
N VAL A 84 -7.75 -11.38 2.68
CA VAL A 84 -6.66 -11.72 3.61
C VAL A 84 -5.33 -11.23 3.02
N PRO A 85 -4.86 -10.03 3.44
CA PRO A 85 -3.53 -9.53 3.04
C PRO A 85 -2.40 -10.45 3.54
N THR A 86 -1.47 -10.74 2.64
CA THR A 86 -0.34 -11.66 2.87
C THR A 86 0.76 -11.40 1.82
N PRO A 87 2.06 -11.50 2.22
CA PRO A 87 3.12 -11.31 1.23
C PRO A 87 3.17 -12.44 0.18
N ALA A 88 2.55 -13.57 0.50
CA ALA A 88 2.49 -14.73 -0.39
C ALA A 88 1.18 -14.82 -1.18
N GLY A 89 0.47 -13.70 -1.31
CA GLY A 89 -0.83 -13.66 -1.98
C GLY A 89 -0.77 -13.32 -3.46
N TYR A 90 -1.92 -13.43 -4.12
CA TYR A 90 -2.12 -12.97 -5.51
C TYR A 90 -1.95 -11.44 -5.58
N PRO A 91 -1.46 -10.90 -6.72
CA PRO A 91 -1.24 -9.45 -6.75
C PRO A 91 -2.56 -8.65 -6.80
N PHE A 92 -2.70 -7.71 -5.86
CA PHE A 92 -3.81 -6.76 -5.88
C PHE A 92 -3.50 -5.67 -6.89
N THR A 93 -4.33 -5.58 -7.93
CA THR A 93 -4.16 -4.59 -9.00
C THR A 93 -5.37 -3.65 -9.08
N GLN A 94 -5.34 -2.74 -10.07
CA GLN A 94 -6.45 -1.83 -10.37
C GLN A 94 -7.69 -2.61 -10.85
N GLU A 95 -7.45 -3.68 -11.61
CA GLU A 95 -8.50 -4.61 -12.06
C GLU A 95 -9.17 -5.31 -10.87
N THR A 96 -8.36 -5.69 -9.87
CA THR A 96 -8.85 -6.28 -8.62
C THR A 96 -9.68 -5.26 -7.84
N ALA A 97 -9.22 -4.00 -7.84
CA ALA A 97 -9.92 -2.89 -7.17
C ALA A 97 -11.27 -2.57 -7.82
N TRP A 98 -11.33 -2.65 -9.15
CA TRP A 98 -12.56 -2.45 -9.93
C TRP A 98 -13.61 -3.53 -9.66
N GLN A 99 -13.15 -4.77 -9.56
CA GLN A 99 -14.02 -5.93 -9.29
C GLN A 99 -14.66 -5.87 -7.91
N TRP A 100 -13.90 -5.41 -6.92
CA TRP A 100 -14.34 -5.36 -5.53
C TRP A 100 -15.18 -4.12 -5.21
N SER A 101 -15.15 -3.14 -6.11
CA SER A 101 -15.91 -1.89 -5.94
C SER A 101 -17.43 -2.05 -6.08
N THR A 102 -17.87 -3.19 -6.61
CA THR A 102 -19.28 -3.52 -6.76
C THR A 102 -19.78 -4.54 -5.72
N GLU A 103 -18.88 -4.98 -4.84
CA GLU A 103 -19.20 -5.92 -3.77
C GLU A 103 -20.01 -5.28 -2.65
N ASP A 104 -20.89 -6.07 -2.04
CA ASP A 104 -21.75 -5.61 -0.95
C ASP A 104 -21.08 -5.69 0.43
N HIS A 105 -20.28 -6.74 0.64
CA HIS A 105 -19.64 -6.98 1.92
C HIS A 105 -18.18 -7.44 1.79
N LEU A 106 -17.27 -6.60 2.28
CA LEU A 106 -15.84 -6.90 2.34
C LEU A 106 -15.39 -7.05 3.78
N VAL A 107 -14.77 -8.19 4.09
CA VAL A 107 -14.14 -8.38 5.39
C VAL A 107 -12.63 -8.54 5.19
N ILE A 108 -11.88 -7.57 5.69
CA ILE A 108 -10.42 -7.61 5.62
C ILE A 108 -9.85 -8.15 6.93
N ALA A 109 -9.24 -9.32 6.84
CA ALA A 109 -8.61 -9.98 7.98
C ALA A 109 -7.14 -9.58 8.06
N CYS A 110 -6.83 -8.72 9.04
CA CYS A 110 -5.47 -8.20 9.22
C CYS A 110 -4.67 -9.04 10.21
N GLY A 111 -3.70 -9.76 9.68
CA GLY A 111 -2.81 -10.59 10.48
C GLY A 111 -1.59 -9.83 10.97
N ARG A 112 -0.92 -10.42 11.97
CA ARG A 112 0.37 -9.94 12.46
C ARG A 112 1.31 -11.14 12.61
N TYR A 113 2.50 -10.88 13.18
CA TYR A 113 3.54 -11.89 13.41
C TYR A 113 4.02 -12.50 12.08
N GLU A 114 3.95 -13.82 11.93
CA GLU A 114 4.33 -14.49 10.67
C GLU A 114 3.12 -14.87 9.81
N GLY A 115 1.95 -14.38 10.20
CA GLY A 115 0.70 -14.64 9.48
C GLY A 115 -0.33 -15.40 10.29
N ILE A 116 -1.40 -15.78 9.61
CA ILE A 116 -2.52 -16.52 10.22
C ILE A 116 -2.43 -17.99 9.83
N ASP A 117 -2.84 -18.87 10.76
CA ASP A 117 -3.00 -20.30 10.51
C ASP A 117 -3.82 -20.51 9.22
N GLN A 118 -3.29 -21.34 8.33
CA GLN A 118 -3.86 -21.54 6.98
C GLN A 118 -5.28 -22.11 6.97
N ARG A 119 -5.63 -22.86 8.01
CA ARG A 119 -6.94 -23.51 8.15
C ARG A 119 -8.11 -22.51 8.27
N VAL A 120 -7.82 -21.29 8.72
CA VAL A 120 -8.80 -20.20 8.81
C VAL A 120 -9.36 -19.84 7.43
N ALA A 121 -8.47 -19.53 6.49
CA ALA A 121 -8.82 -19.23 5.11
C ALA A 121 -9.40 -20.45 4.39
N ASP A 122 -8.84 -21.63 4.67
CA ASP A 122 -9.30 -22.91 4.10
C ASP A 122 -10.73 -23.25 4.52
N ASP A 123 -11.05 -23.04 5.80
CA ASP A 123 -12.40 -23.24 6.34
C ASP A 123 -13.39 -22.26 5.72
N ALA A 124 -12.98 -20.99 5.64
CA ALA A 124 -13.80 -19.93 5.07
C ALA A 124 -14.09 -20.16 3.58
N ALA A 125 -13.13 -20.76 2.87
CA ALA A 125 -13.24 -21.08 1.44
C ALA A 125 -14.35 -22.10 1.12
N THR A 126 -14.79 -22.85 2.13
CA THR A 126 -15.83 -23.87 1.98
C THR A 126 -17.25 -23.28 1.99
N ARG A 127 -17.39 -22.03 2.43
CA ARG A 127 -18.71 -21.37 2.51
C ARG A 127 -18.76 -19.93 1.99
N MET A 128 -17.60 -19.34 1.71
CA MET A 128 -17.49 -17.99 1.14
C MET A 128 -16.29 -17.87 0.20
N ARG A 129 -16.27 -16.78 -0.59
CA ARG A 129 -15.16 -16.47 -1.48
C ARG A 129 -14.04 -15.79 -0.69
N VAL A 130 -12.83 -16.34 -0.81
CA VAL A 130 -11.65 -15.88 -0.07
C VAL A 130 -10.57 -15.45 -1.07
N ARG A 131 -10.01 -14.26 -0.85
CA ARG A 131 -8.93 -13.74 -1.67
C ARG A 131 -7.70 -13.41 -0.82
N GLU A 132 -6.64 -14.20 -1.01
CA GLU A 132 -5.34 -13.92 -0.39
C GLU A 132 -4.54 -13.03 -1.34
N VAL A 133 -4.25 -11.80 -0.90
CA VAL A 133 -3.67 -10.78 -1.77
C VAL A 133 -2.39 -10.11 -1.25
N SER A 134 -1.52 -9.74 -2.18
CA SER A 134 -0.33 -8.93 -1.93
C SER A 134 -0.44 -7.59 -2.63
N ILE A 135 -0.10 -6.52 -1.91
CA ILE A 135 -0.15 -5.15 -2.45
C ILE A 135 1.15 -4.73 -3.16
N GLY A 136 2.18 -5.58 -3.07
CA GLY A 136 3.48 -5.32 -3.70
C GLY A 136 4.58 -6.25 -3.25
N ASP A 137 5.73 -6.17 -3.93
CA ASP A 137 6.89 -7.03 -3.66
C ASP A 137 7.78 -6.47 -2.54
N TYR A 138 7.17 -6.35 -1.36
CA TYR A 138 7.84 -5.92 -0.13
C TYR A 138 7.14 -6.61 1.04
N VAL A 139 7.81 -6.62 2.19
CA VAL A 139 7.24 -7.24 3.40
C VAL A 139 6.98 -6.16 4.44
N LEU A 140 5.73 -6.07 4.89
CA LEU A 140 5.30 -5.20 5.99
C LEU A 140 5.34 -5.99 7.30
N ASN A 141 4.96 -5.35 8.41
CA ASN A 141 4.86 -6.03 9.70
C ASN A 141 3.51 -6.69 9.95
N GLY A 142 2.48 -6.19 9.26
CA GLY A 142 1.12 -6.74 9.33
C GLY A 142 0.28 -6.37 8.13
N GLY A 143 -1.00 -6.72 8.19
CA GLY A 143 -1.94 -6.46 7.09
C GLY A 143 -2.68 -5.14 7.16
N GLU A 144 -2.39 -4.35 8.19
CA GLU A 144 -3.09 -3.09 8.47
C GLU A 144 -2.84 -2.00 7.41
N ALA A 145 -1.56 -1.82 7.04
CA ALA A 145 -1.16 -0.88 5.99
C ALA A 145 -1.68 -1.33 4.62
N ALA A 146 -1.68 -2.65 4.41
CA ALA A 146 -2.25 -3.27 3.22
C ALA A 146 -3.75 -3.04 3.10
N ALA A 147 -4.44 -3.08 4.24
CA ALA A 147 -5.88 -2.79 4.32
C ALA A 147 -6.23 -1.36 3.93
N LEU A 148 -5.46 -0.39 4.43
CA LEU A 148 -5.62 1.03 4.09
C LEU A 148 -5.46 1.30 2.60
N VAL A 149 -4.49 0.61 1.99
CA VAL A 149 -4.25 0.64 0.55
C VAL A 149 -5.44 0.04 -0.23
N ILE A 150 -5.90 -1.14 0.20
CA ILE A 150 -7.04 -1.84 -0.42
C ILE A 150 -8.33 -1.00 -0.33
N ILE A 151 -8.64 -0.49 0.87
CA ILE A 151 -9.84 0.33 1.10
C ILE A 151 -9.85 1.59 0.22
N GLU A 152 -8.75 2.34 0.24
CA GLU A 152 -8.64 3.58 -0.54
C GLU A 152 -8.75 3.38 -2.06
N ALA A 153 -8.12 2.30 -2.56
CA ALA A 153 -8.15 1.97 -3.98
C ALA A 153 -9.52 1.52 -4.46
N VAL A 154 -10.21 0.72 -3.63
CA VAL A 154 -11.55 0.21 -3.94
C VAL A 154 -12.61 1.32 -3.84
N LEU A 155 -12.63 2.05 -2.73
CA LEU A 155 -13.67 3.05 -2.45
C LEU A 155 -13.69 4.28 -3.36
N ARG A 156 -12.53 4.65 -3.91
CA ARG A 156 -12.42 5.78 -4.84
C ARG A 156 -13.05 5.49 -6.21
N LEU A 157 -13.25 4.20 -6.48
CA LEU A 157 -13.93 3.74 -7.70
C LEU A 157 -15.43 3.62 -7.50
N VAL A 158 -15.86 3.52 -6.25
CA VAL A 158 -17.28 3.56 -5.89
C VAL A 158 -17.72 5.04 -5.92
N PRO A 159 -18.65 5.38 -6.84
CA PRO A 159 -19.01 6.79 -7.09
C PRO A 159 -19.64 7.50 -5.89
N GLY A 160 -19.10 8.66 -5.55
CA GLY A 160 -19.62 9.51 -4.48
C GLY A 160 -19.06 9.25 -3.09
N VAL A 161 -18.38 8.11 -2.92
CA VAL A 161 -17.82 7.70 -1.63
C VAL A 161 -16.64 8.58 -1.21
N LEU A 162 -15.69 8.78 -2.12
CA LEU A 162 -14.53 9.64 -1.87
C LEU A 162 -14.47 10.81 -2.86
N SER A 179 -1.53 -0.72 -20.75
CA SER A 179 -1.56 0.70 -20.38
C SER A 179 -0.16 1.22 -20.06
N LEU A 180 0.07 2.50 -20.39
CA LEU A 180 1.34 3.17 -20.16
C LEU A 180 1.25 4.12 -18.94
N LEU A 181 2.41 4.54 -18.44
CA LEU A 181 2.50 5.46 -17.29
C LEU A 181 2.14 6.89 -17.70
N GLU A 182 1.47 7.61 -16.79
CA GLU A 182 1.12 9.01 -17.00
C GLU A 182 2.34 9.92 -17.07
N GLY A 183 2.34 10.82 -18.05
CA GLY A 183 3.44 11.78 -18.26
C GLY A 183 3.49 12.88 -17.21
N PRO A 184 4.52 13.77 -17.31
CA PRO A 184 4.66 14.88 -16.37
C PRO A 184 3.51 15.88 -16.43
N SER A 185 3.08 16.35 -15.26
CA SER A 185 2.02 17.35 -15.14
C SER A 185 2.60 18.69 -14.66
N TYR A 186 2.04 19.78 -15.18
CA TYR A 186 2.50 21.12 -14.87
C TYR A 186 1.32 22.06 -14.59
N THR A 187 1.57 23.05 -13.73
CA THR A 187 0.58 24.09 -13.42
C THR A 187 1.23 25.47 -13.23
N ARG A 188 0.46 26.46 -12.80
CA ARG A 188 0.95 27.83 -12.52
C ARG A 188 2.01 27.86 -11.42
N PRO A 189 3.09 28.68 -11.60
CA PRO A 189 3.38 29.64 -12.67
C PRO A 189 4.05 29.03 -13.91
N PRO A 190 4.05 29.74 -15.07
CA PRO A 190 4.72 29.24 -16.29
C PRO A 190 6.23 29.11 -16.16
N SER A 191 6.82 29.92 -15.28
CA SER A 191 8.25 29.88 -14.98
CA SER A 191 8.25 29.88 -14.98
C SER A 191 8.48 29.82 -13.47
N TRP A 192 9.28 28.84 -13.05
CA TRP A 192 9.60 28.63 -11.63
C TRP A 192 10.98 28.00 -11.47
N ARG A 193 11.85 28.72 -10.76
CA ARG A 193 13.24 28.32 -10.46
C ARG A 193 14.06 27.90 -11.70
N GLY A 194 13.94 28.69 -12.76
CA GLY A 194 14.66 28.49 -14.01
C GLY A 194 14.09 27.46 -14.97
N MET A 195 12.95 26.86 -14.59
CA MET A 195 12.28 25.84 -15.42
C MET A 195 10.96 26.35 -15.96
N ASP A 196 10.85 26.31 -17.29
CA ASP A 196 9.63 26.70 -17.99
C ASP A 196 8.74 25.49 -18.24
N VAL A 197 7.43 25.71 -18.14
CA VAL A 197 6.43 24.73 -18.56
C VAL A 197 6.60 24.52 -20.07
N PRO A 198 6.73 23.26 -20.52
CA PRO A 198 6.91 22.94 -21.95
C PRO A 198 5.95 23.72 -22.85
N PRO A 199 6.49 24.59 -23.74
CA PRO A 199 5.73 25.57 -24.55
C PRO A 199 4.58 24.98 -25.37
N VAL A 200 4.68 23.70 -25.71
CA VAL A 200 3.64 22.94 -26.41
C VAL A 200 2.28 22.95 -25.65
N LEU A 201 2.34 22.90 -24.32
CA LEU A 201 1.14 22.89 -23.47
C LEU A 201 0.38 24.22 -23.44
N LEU A 202 1.02 25.29 -23.94
CA LEU A 202 0.41 26.61 -24.02
C LEU A 202 0.15 27.07 -25.48
N SER A 203 0.40 26.18 -26.43
CA SER A 203 0.33 26.49 -27.86
C SER A 203 -1.10 26.63 -28.41
N GLY A 204 -2.04 25.89 -27.83
CA GLY A 204 -3.42 25.85 -28.31
C GLY A 204 -3.65 24.79 -29.39
N ASP A 205 -2.60 24.05 -29.71
CA ASP A 205 -2.66 22.93 -30.65
C ASP A 205 -2.89 21.64 -29.88
N HIS A 206 -4.17 21.33 -29.63
CA HIS A 206 -4.56 20.22 -28.76
C HIS A 206 -4.32 18.82 -29.36
N ALA A 207 -4.19 18.76 -30.68
CA ALA A 207 -3.74 17.55 -31.37
C ALA A 207 -2.26 17.30 -31.09
N LYS A 208 -1.46 18.38 -31.12
CA LYS A 208 -0.03 18.33 -30.84
C LYS A 208 0.26 18.03 -29.35
N ILE A 209 -0.57 18.58 -28.46
CA ILE A 209 -0.48 18.34 -27.01
C ILE A 209 -0.69 16.86 -26.68
N ALA A 210 -1.74 16.27 -27.26
CA ALA A 210 -2.07 14.85 -27.07
C ALA A 210 -0.96 13.92 -27.57
N ALA A 211 -0.36 14.29 -28.71
CA ALA A 211 0.78 13.55 -29.28
C ALA A 211 2.05 13.69 -28.44
N TRP A 212 2.25 14.89 -27.88
CA TRP A 212 3.39 15.17 -26.98
C TRP A 212 3.24 14.40 -25.67
N ARG A 213 2.02 14.38 -25.12
CA ARG A 213 1.73 13.64 -23.89
C ARG A 213 1.89 12.13 -24.05
N ALA A 214 1.52 11.61 -25.22
CA ALA A 214 1.67 10.20 -25.55
C ALA A 214 3.13 9.77 -25.70
N GLU A 215 3.95 10.65 -26.28
CA GLU A 215 5.40 10.41 -26.42
C GLU A 215 6.12 10.46 -25.06
N GLN A 216 5.72 11.42 -24.22
CA GLN A 216 6.25 11.53 -22.85
C GLN A 216 5.85 10.32 -21.99
N SER A 217 4.66 9.77 -22.27
CA SER A 217 4.15 8.57 -21.63
CA SER A 217 4.16 8.56 -21.61
C SER A 217 5.00 7.34 -21.98
N ARG A 218 5.34 7.21 -23.27
CA ARG A 218 6.15 6.12 -23.78
C ARG A 218 7.59 6.17 -23.25
N GLN A 219 8.18 7.36 -23.25
CA GLN A 219 9.53 7.61 -22.73
C GLN A 219 9.66 7.25 -21.24
N ARG A 220 8.64 7.62 -20.46
CA ARG A 220 8.58 7.29 -19.03
C ARG A 220 8.41 5.79 -18.80
N THR A 221 7.60 5.16 -19.64
CA THR A 221 7.37 3.71 -19.58
C THR A 221 8.66 2.91 -19.90
N ILE A 222 9.36 3.29 -20.97
CA ILE A 222 10.65 2.67 -21.35
C ILE A 222 11.67 2.77 -20.21
N GLU A 223 11.80 3.97 -19.63
CA GLU A 223 12.77 4.26 -18.56
C GLU A 223 12.43 3.59 -17.22
N ARG A 224 11.18 3.74 -16.78
CA ARG A 224 10.77 3.33 -15.44
C ARG A 224 10.17 1.92 -15.35
N ARG A 225 9.27 1.60 -16.28
CA ARG A 225 8.58 0.30 -16.28
C ARG A 225 8.69 -0.45 -17.61
N PRO A 226 9.89 -1.01 -17.93
CA PRO A 226 10.05 -1.73 -19.21
C PRO A 226 9.30 -3.07 -19.25
N ASP A 227 8.85 -3.54 -18.10
CA ASP A 227 8.05 -4.77 -17.96
C ASP A 227 6.65 -4.65 -18.58
N LEU A 228 6.13 -3.43 -18.66
CA LEU A 228 4.81 -3.17 -19.25
C LEU A 228 4.80 -3.17 -20.78
N LEU A 229 5.99 -3.22 -21.38
CA LEU A 229 6.14 -3.25 -22.84
C LEU A 229 6.64 -4.61 -23.32
N SER B 2 20.92 5.25 12.87
CA SER B 2 19.89 6.28 13.21
C SER B 2 19.28 6.91 11.97
N MET B 3 17.98 7.18 12.03
CA MET B 3 17.22 7.71 10.88
C MET B 3 16.19 8.76 11.30
N LYS B 4 16.04 9.80 10.48
CA LYS B 4 14.96 10.76 10.60
C LYS B 4 14.08 10.70 9.35
N ILE B 5 12.77 10.57 9.57
CA ILE B 5 11.78 10.57 8.49
C ILE B 5 10.84 11.76 8.62
N ASP B 6 10.83 12.61 7.60
CA ASP B 6 9.91 13.73 7.50
C ASP B 6 8.86 13.47 6.42
N VAL B 7 7.58 13.58 6.80
CA VAL B 7 6.46 13.35 5.88
C VAL B 7 5.73 14.67 5.66
N VAL B 8 5.64 15.10 4.41
CA VAL B 8 4.97 16.36 4.04
C VAL B 8 3.68 16.07 3.29
N THR B 9 2.58 16.63 3.80
CA THR B 9 1.21 16.35 3.32
C THR B 9 0.22 17.48 3.64
N ILE B 10 -0.87 17.54 2.87
CA ILE B 10 -2.00 18.44 3.17
C ILE B 10 -2.99 17.83 4.17
N PHE B 11 -2.95 16.50 4.32
CA PHE B 11 -3.71 15.80 5.36
C PHE B 11 -2.76 15.14 6.38
N PRO B 12 -2.33 15.91 7.42
CA PRO B 12 -1.43 15.33 8.43
C PRO B 12 -2.10 14.34 9.40
N GLU B 13 -3.43 14.40 9.48
CA GLU B 13 -4.24 13.50 10.31
C GLU B 13 -4.17 12.02 9.89
N TYR B 14 -3.99 11.80 8.59
CA TYR B 14 -3.87 10.45 8.00
C TYR B 14 -2.62 9.70 8.49
N LEU B 15 -1.58 10.44 8.84
CA LEU B 15 -0.29 9.87 9.28
C LEU B 15 -0.19 9.55 10.78
N GLN B 16 -1.36 9.48 11.45
CA GLN B 16 -1.45 9.18 12.89
C GLN B 16 -1.02 7.76 13.35
N PRO B 17 -1.11 6.71 12.48
CA PRO B 17 -0.62 5.39 12.90
C PRO B 17 0.90 5.22 13.15
N VAL B 18 1.66 6.32 13.17
CA VAL B 18 3.09 6.26 13.50
C VAL B 18 3.35 6.27 15.01
N GLY B 30 13.41 5.64 19.57
CA GLY B 30 14.79 5.87 19.99
C GLY B 30 15.75 5.95 18.83
N LEU B 31 15.83 4.86 18.07
CA LEU B 31 16.71 4.76 16.89
C LEU B 31 16.17 5.53 15.68
N VAL B 32 14.87 5.82 15.69
CA VAL B 32 14.20 6.56 14.61
C VAL B 32 13.19 7.59 15.14
N ASP B 33 13.27 8.81 14.59
CA ASP B 33 12.29 9.87 14.84
C ASP B 33 11.52 10.18 13.56
N VAL B 34 10.19 10.14 13.66
CA VAL B 34 9.29 10.40 12.52
C VAL B 34 8.46 11.64 12.78
N ALA B 35 8.58 12.63 11.90
CA ALA B 35 7.85 13.90 12.01
C ALA B 35 6.95 14.14 10.80
N VAL B 36 5.74 14.61 11.07
CA VAL B 36 4.74 14.89 10.03
C VAL B 36 4.52 16.40 9.92
N HIS B 37 4.67 16.93 8.71
CA HIS B 37 4.54 18.36 8.45
C HIS B 37 3.34 18.67 7.55
N ASP B 38 2.57 19.68 7.96
CA ASP B 38 1.46 20.21 7.17
C ASP B 38 2.03 21.13 6.10
N LEU B 39 1.75 20.84 4.84
CA LEU B 39 2.21 21.64 3.70
C LEU B 39 1.60 23.05 3.69
N ARG B 40 0.38 23.16 4.22
CA ARG B 40 -0.37 24.43 4.27
C ARG B 40 0.25 25.48 5.23
N ARG B 41 1.22 25.06 6.04
CA ARG B 41 2.00 25.95 6.88
C ARG B 41 2.97 26.83 6.08
N TRP B 42 3.25 26.43 4.84
CA TRP B 42 4.16 27.17 3.95
C TRP B 42 3.45 28.10 2.94
N THR B 43 2.12 28.09 2.95
CA THR B 43 1.33 29.06 2.18
C THR B 43 1.24 30.38 2.93
N HIS B 44 1.49 31.48 2.20
CA HIS B 44 1.34 32.84 2.74
C HIS B 44 0.02 33.50 2.34
N ASP B 45 -0.69 32.88 1.38
CA ASP B 45 -2.01 33.33 0.93
C ASP B 45 -3.09 33.03 1.97
N VAL B 46 -4.12 33.89 2.00
CA VAL B 46 -5.26 33.74 2.92
C VAL B 46 -6.15 32.54 2.59
N HIS B 47 -6.29 32.25 1.29
CA HIS B 47 -7.05 31.10 0.81
C HIS B 47 -6.23 29.82 0.90
N SER B 49 -4.13 28.51 -1.29
CA SER B 49 -4.48 27.47 -2.26
C SER B 49 -3.23 26.73 -2.74
N VAL B 50 -3.27 25.40 -2.64
CA VAL B 50 -2.14 24.54 -3.01
C VAL B 50 -2.22 23.97 -4.44
N ASP B 51 -3.41 24.02 -5.03
CA ASP B 51 -3.66 23.43 -6.34
C ASP B 51 -4.19 24.42 -7.38
N ASP B 52 -3.88 24.13 -8.65
CA ASP B 52 -4.38 24.89 -9.80
C ASP B 52 -4.55 23.96 -11.01
N SER B 53 -5.27 24.43 -12.02
CA SER B 53 -5.56 23.67 -13.25
C SER B 53 -4.31 23.30 -14.05
N PRO B 54 -4.28 22.08 -14.65
CA PRO B 54 -3.12 21.65 -15.45
C PRO B 54 -2.94 22.44 -16.75
N TYR B 55 -1.69 22.72 -17.09
CA TYR B 55 -1.36 23.29 -18.41
C TYR B 55 -1.55 22.23 -19.49
N GLY B 56 -2.15 22.65 -20.61
CA GLY B 56 -2.45 21.74 -21.72
C GLY B 56 -3.79 21.03 -21.58
N GLY B 57 -4.54 21.38 -20.53
CA GLY B 57 -5.84 20.78 -20.26
C GLY B 57 -5.79 19.43 -19.58
N GLY B 58 -6.97 18.84 -19.37
CA GLY B 58 -7.09 17.53 -18.74
C GLY B 58 -7.93 17.53 -17.47
N PRO B 59 -8.21 16.33 -16.92
CA PRO B 59 -9.05 16.22 -15.72
C PRO B 59 -8.31 16.56 -14.42
N GLY B 60 -9.06 17.00 -13.42
CA GLY B 60 -8.54 17.24 -12.07
C GLY B 60 -7.65 18.45 -11.90
N MET B 61 -6.86 18.44 -10.83
CA MET B 61 -5.99 19.55 -10.45
C MET B 61 -4.56 19.07 -10.17
N VAL B 62 -3.60 19.97 -10.37
CA VAL B 62 -2.18 19.70 -10.11
C VAL B 62 -1.72 20.60 -8.95
N MET B 63 -0.93 20.03 -8.03
CA MET B 63 -0.35 20.77 -6.91
C MET B 63 0.71 21.76 -7.38
N LYS B 64 0.59 23.00 -6.91
CA LYS B 64 1.50 24.11 -7.26
C LYS B 64 2.94 23.85 -6.81
N PRO B 65 3.94 24.20 -7.66
CA PRO B 65 5.34 23.99 -7.29
C PRO B 65 5.86 24.94 -6.21
N THR B 66 5.32 26.16 -6.16
CA THR B 66 5.78 27.23 -5.24
C THR B 66 5.71 26.86 -3.75
N VAL B 67 4.61 26.22 -3.34
CA VAL B 67 4.40 25.80 -1.95
C VAL B 67 5.35 24.66 -1.56
N TRP B 68 5.47 23.67 -2.44
CA TRP B 68 6.39 22.52 -2.25
C TRP B 68 7.86 22.95 -2.19
N GLY B 69 8.22 23.93 -3.01
CA GLY B 69 9.58 24.48 -3.06
C GLY B 69 10.06 25.04 -1.73
N ASP B 70 9.19 25.82 -1.07
CA ASP B 70 9.50 26.44 0.23
C ASP B 70 9.53 25.43 1.37
N ALA B 71 8.65 24.42 1.30
CA ALA B 71 8.57 23.35 2.29
C ALA B 71 9.83 22.48 2.27
N LEU B 72 10.26 22.08 1.07
CA LEU B 72 11.44 21.22 0.90
C LEU B 72 12.76 21.95 1.09
N ASP B 73 12.76 23.28 0.90
CA ASP B 73 13.94 24.12 1.17
C ASP B 73 14.28 24.18 2.66
N GLU B 74 13.24 24.23 3.49
CA GLU B 74 13.36 24.30 4.94
C GLU B 74 13.71 22.95 5.57
N ILE B 75 13.13 21.88 5.02
CA ILE B 75 13.27 20.53 5.58
C ILE B 75 14.52 19.80 5.05
N CYS B 76 14.67 19.74 3.73
CA CYS B 76 15.69 18.90 3.10
C CYS B 76 17.08 19.54 3.04
N THR B 77 18.09 18.67 3.11
CA THR B 77 19.49 19.03 2.90
C THR B 77 20.01 18.34 1.63
N SER B 78 21.31 18.46 1.35
CA SER B 78 21.94 17.77 0.22
C SER B 78 22.08 16.26 0.44
N GLU B 79 22.04 15.84 1.70
CA GLU B 79 22.14 14.43 2.10
C GLU B 79 20.79 13.69 2.07
N THR B 80 19.70 14.47 1.94
CA THR B 80 18.33 13.96 1.92
C THR B 80 18.05 13.11 0.68
N LEU B 81 17.37 11.99 0.90
CA LEU B 81 16.73 11.24 -0.18
C LEU B 81 15.25 11.60 -0.19
N LEU B 82 14.81 12.25 -1.27
CA LEU B 82 13.43 12.67 -1.44
C LEU B 82 12.59 11.57 -2.10
N VAL B 83 11.58 11.12 -1.36
CA VAL B 83 10.68 10.07 -1.80
C VAL B 83 9.35 10.69 -2.23
N VAL B 84 9.02 10.50 -3.51
CA VAL B 84 7.76 11.00 -4.08
C VAL B 84 6.91 9.81 -4.54
N PRO B 85 5.91 9.40 -3.74
CA PRO B 85 4.94 8.39 -4.19
C PRO B 85 4.13 8.89 -5.38
N THR B 86 4.02 8.04 -6.40
CA THR B 86 3.30 8.33 -7.65
C THR B 86 3.00 7.00 -8.38
N PRO B 87 1.82 6.88 -9.03
CA PRO B 87 1.56 5.66 -9.80
C PRO B 87 2.46 5.48 -11.03
N ALA B 88 3.07 6.59 -11.48
CA ALA B 88 3.96 6.61 -12.63
C ALA B 88 5.44 6.39 -12.28
N GLY B 89 5.73 6.18 -10.98
CA GLY B 89 7.10 6.03 -10.50
C GLY B 89 7.72 4.66 -10.72
N TYR B 90 9.02 4.55 -10.38
CA TYR B 90 9.77 3.29 -10.38
C TYR B 90 9.18 2.34 -9.34
N PRO B 91 9.27 1.01 -9.56
CA PRO B 91 8.71 0.09 -8.56
C PRO B 91 9.48 0.11 -7.24
N PHE B 92 8.75 0.33 -6.14
CA PHE B 92 9.30 0.20 -4.80
C PHE B 92 9.22 -1.28 -4.38
N THR B 93 10.39 -1.90 -4.23
CA THR B 93 10.48 -3.33 -3.89
C THR B 93 11.18 -3.54 -2.55
N GLN B 94 11.39 -4.81 -2.19
CA GLN B 94 12.16 -5.19 -1.00
C GLN B 94 13.62 -4.74 -1.12
N GLU B 95 14.16 -4.84 -2.34
CA GLU B 95 15.50 -4.35 -2.69
C GLU B 95 15.62 -2.84 -2.41
N THR B 96 14.58 -2.09 -2.79
CA THR B 96 14.50 -0.64 -2.51
C THR B 96 14.45 -0.37 -1.00
N ALA B 97 13.70 -1.20 -0.28
CA ALA B 97 13.54 -1.09 1.17
C ALA B 97 14.85 -1.35 1.94
N TRP B 98 15.65 -2.30 1.44
CA TRP B 98 16.99 -2.57 1.98
C TRP B 98 17.94 -1.40 1.74
N GLN B 99 17.87 -0.82 0.54
CA GLN B 99 18.68 0.34 0.14
C GLN B 99 18.37 1.59 0.96
N TRP B 100 17.11 1.71 1.40
CA TRP B 100 16.63 2.90 2.12
C TRP B 100 16.75 2.77 3.64
N SER B 101 16.93 1.54 4.13
CA SER B 101 17.06 1.25 5.56
C SER B 101 18.36 1.76 6.19
N THR B 102 19.37 1.99 5.35
CA THR B 102 20.67 2.52 5.78
C THR B 102 20.79 4.04 5.59
N GLU B 103 19.73 4.67 5.08
CA GLU B 103 19.70 6.13 4.86
C GLU B 103 19.59 6.91 6.17
N ASP B 104 20.21 8.08 6.20
CA ASP B 104 20.18 8.98 7.36
C ASP B 104 18.89 9.81 7.42
N HIS B 105 18.43 10.27 6.25
CA HIS B 105 17.31 11.20 6.17
C HIS B 105 16.40 10.93 4.96
N LEU B 106 15.14 10.60 5.26
CA LEU B 106 14.12 10.40 4.25
C LEU B 106 13.05 11.48 4.36
N VAL B 107 12.73 12.10 3.23
CA VAL B 107 11.60 13.02 3.15
C VAL B 107 10.58 12.47 2.15
N ILE B 108 9.40 12.13 2.66
CA ILE B 108 8.30 11.63 1.83
C ILE B 108 7.32 12.76 1.50
N ALA B 109 7.32 13.14 0.22
CA ALA B 109 6.43 14.18 -0.30
C ALA B 109 5.12 13.55 -0.76
N CYS B 110 4.09 13.66 0.09
CA CYS B 110 2.77 13.13 -0.21
C CYS B 110 1.97 14.11 -1.04
N GLY B 111 1.66 13.72 -2.27
CA GLY B 111 0.83 14.52 -3.16
C GLY B 111 -0.64 14.19 -3.02
N ARG B 112 -1.49 15.06 -3.57
CA ARG B 112 -2.93 14.84 -3.66
C ARG B 112 -3.45 15.28 -5.03
N TYR B 113 -4.78 15.27 -5.20
CA TYR B 113 -5.47 15.61 -6.45
C TYR B 113 -5.03 14.66 -7.58
N GLU B 114 -4.40 15.19 -8.63
CA GLU B 114 -3.84 14.38 -9.73
C GLU B 114 -2.33 14.26 -9.63
N GLY B 115 -1.74 14.92 -8.63
CA GLY B 115 -0.31 14.87 -8.37
C GLY B 115 0.35 16.23 -8.22
N ILE B 116 1.69 16.19 -8.17
CA ILE B 116 2.52 17.38 -7.98
C ILE B 116 3.13 17.79 -9.33
N ASP B 117 3.32 19.10 -9.51
CA ASP B 117 4.07 19.68 -10.62
C ASP B 117 5.45 19.01 -10.73
N GLN B 118 5.82 18.64 -11.95
CA GLN B 118 7.07 17.91 -12.23
C GLN B 118 8.34 18.65 -11.83
N ARG B 119 8.29 19.98 -11.95
CA ARG B 119 9.43 20.86 -11.62
C ARG B 119 9.90 20.77 -10.16
N VAL B 120 9.03 20.29 -9.27
CA VAL B 120 9.38 20.05 -7.85
C VAL B 120 10.45 18.97 -7.72
N ALA B 121 10.22 17.82 -8.37
CA ALA B 121 11.18 16.71 -8.39
C ALA B 121 12.45 17.05 -9.18
N ASP B 122 12.29 17.83 -10.25
CA ASP B 122 13.40 18.27 -11.11
C ASP B 122 14.31 19.28 -10.41
N ASP B 123 13.70 20.21 -9.66
CA ASP B 123 14.43 21.22 -8.88
C ASP B 123 15.20 20.60 -7.74
N ALA B 124 14.56 19.66 -7.03
CA ALA B 124 15.18 18.97 -5.90
C ALA B 124 16.34 18.07 -6.33
N ALA B 125 16.25 17.53 -7.54
CA ALA B 125 17.29 16.68 -8.12
C ALA B 125 18.63 17.39 -8.36
N THR B 126 18.58 18.73 -8.45
CA THR B 126 19.79 19.55 -8.62
C THR B 126 20.61 19.67 -7.33
N ARG B 127 19.95 19.54 -6.18
CA ARG B 127 20.59 19.66 -4.87
C ARG B 127 20.61 18.36 -4.04
N MET B 128 19.69 17.45 -4.30
CA MET B 128 19.60 16.17 -3.59
C MET B 128 19.25 14.99 -4.52
N ARG B 129 19.21 13.78 -3.97
CA ARG B 129 18.75 12.59 -4.69
C ARG B 129 17.24 12.43 -4.53
N VAL B 130 16.56 12.23 -5.66
CA VAL B 130 15.09 12.14 -5.70
C VAL B 130 14.66 10.79 -6.30
N ARG B 131 13.73 10.12 -5.61
CA ARG B 131 13.16 8.86 -6.08
C ARG B 131 11.64 8.96 -6.21
N GLU B 132 11.16 8.90 -7.46
CA GLU B 132 9.73 8.79 -7.74
C GLU B 132 9.37 7.30 -7.76
N VAL B 133 8.52 6.89 -6.83
CA VAL B 133 8.22 5.45 -6.61
C VAL B 133 6.75 5.07 -6.62
N SER B 134 6.48 3.86 -7.10
CA SER B 134 5.15 3.24 -7.05
C SER B 134 5.20 2.01 -6.15
N ILE B 135 4.20 1.89 -5.28
CA ILE B 135 4.09 0.75 -4.36
C ILE B 135 3.27 -0.42 -4.95
N GLY B 136 2.64 -0.18 -6.10
CA GLY B 136 1.85 -1.19 -6.78
C GLY B 136 1.00 -0.64 -7.92
N ASP B 137 0.49 -1.54 -8.76
CA ASP B 137 -0.30 -1.18 -9.93
C ASP B 137 -1.78 -0.97 -9.59
N TYR B 138 -2.01 0.07 -8.80
CA TYR B 138 -3.34 0.54 -8.41
C TYR B 138 -3.22 2.04 -8.16
N VAL B 139 -4.35 2.74 -8.22
CA VAL B 139 -4.36 4.19 -7.98
C VAL B 139 -4.95 4.47 -6.60
N LEU B 140 -4.19 5.21 -5.79
CA LEU B 140 -4.64 5.73 -4.50
C LEU B 140 -5.11 7.17 -4.71
N ASN B 141 -5.77 7.74 -3.70
CA ASN B 141 -6.18 9.16 -3.76
C ASN B 141 -5.02 10.12 -3.45
N GLY B 142 -4.04 9.63 -2.71
CA GLY B 142 -2.85 10.41 -2.35
C GLY B 142 -1.67 9.55 -1.96
N GLY B 143 -0.56 10.21 -1.64
CA GLY B 143 0.68 9.53 -1.25
C GLY B 143 0.79 9.14 0.22
N GLU B 144 -0.24 9.49 1.00
CA GLU B 144 -0.28 9.25 2.45
C GLU B 144 -0.29 7.76 2.81
N ALA B 145 -1.13 6.99 2.11
CA ALA B 145 -1.21 5.54 2.30
C ALA B 145 0.09 4.84 1.86
N ALA B 146 0.67 5.32 0.76
CA ALA B 146 1.94 4.81 0.24
C ALA B 146 3.12 5.11 1.17
N ALA B 147 3.07 6.28 1.82
CA ALA B 147 4.05 6.69 2.83
C ALA B 147 4.08 5.73 4.02
N LEU B 148 2.89 5.37 4.51
CA LEU B 148 2.73 4.40 5.61
C LEU B 148 3.26 3.02 5.24
N VAL B 149 3.08 2.64 3.97
CA VAL B 149 3.61 1.39 3.42
C VAL B 149 5.13 1.43 3.35
N ILE B 150 5.68 2.53 2.84
CA ILE B 150 7.14 2.73 2.72
C ILE B 150 7.81 2.73 4.11
N ILE B 151 7.26 3.52 5.04
CA ILE B 151 7.76 3.60 6.42
C ILE B 151 7.82 2.22 7.10
N GLU B 152 6.73 1.46 7.03
CA GLU B 152 6.66 0.10 7.58
C GLU B 152 7.67 -0.87 6.97
N ALA B 153 7.79 -0.85 5.64
CA ALA B 153 8.71 -1.73 4.92
C ALA B 153 10.18 -1.41 5.17
N VAL B 154 10.48 -0.12 5.31
CA VAL B 154 11.86 0.35 5.56
C VAL B 154 12.28 0.13 7.02
N LEU B 155 11.46 0.61 7.96
CA LEU B 155 11.82 0.63 9.39
C LEU B 155 12.02 -0.74 10.05
N ARG B 156 11.34 -1.76 9.55
CA ARG B 156 11.51 -3.13 10.06
C ARG B 156 12.83 -3.77 9.64
N LEU B 157 13.56 -3.10 8.73
CA LEU B 157 14.88 -3.55 8.27
C LEU B 157 16.04 -2.74 8.88
N VAL B 158 15.71 -1.66 9.57
CA VAL B 158 16.69 -0.78 10.23
C VAL B 158 17.44 -1.57 11.32
N PRO B 159 18.80 -1.59 11.25
CA PRO B 159 19.66 -2.36 12.16
C PRO B 159 19.32 -2.13 13.64
N GLY B 160 18.55 -3.07 14.19
CA GLY B 160 18.03 -2.98 15.56
C GLY B 160 16.52 -3.10 15.59
N SER B 179 12.88 -13.66 -2.08
CA SER B 179 13.20 -14.42 -3.27
C SER B 179 12.00 -15.25 -3.77
N LEU B 180 11.37 -15.97 -2.84
CA LEU B 180 10.19 -16.82 -3.14
C LEU B 180 9.04 -16.52 -2.16
N LEU B 181 7.83 -16.93 -2.54
CA LEU B 181 6.64 -16.77 -1.68
C LEU B 181 6.66 -17.70 -0.48
N GLU B 182 6.16 -17.21 0.65
CA GLU B 182 6.10 -17.97 1.90
C GLU B 182 5.05 -19.08 1.85
N GLY B 183 5.41 -20.25 2.38
CA GLY B 183 4.49 -21.39 2.49
C GLY B 183 3.42 -21.19 3.55
N PRO B 184 2.46 -22.15 3.67
CA PRO B 184 1.42 -22.08 4.71
C PRO B 184 1.97 -22.28 6.12
N SER B 185 1.42 -21.51 7.07
CA SER B 185 1.79 -21.58 8.47
C SER B 185 0.68 -22.20 9.31
N TYR B 186 1.07 -22.96 10.34
CA TYR B 186 0.14 -23.66 11.22
C TYR B 186 0.54 -23.58 12.69
N THR B 187 -0.46 -23.55 13.57
CA THR B 187 -0.25 -23.60 15.02
C THR B 187 -1.34 -24.45 15.72
N ARG B 188 -1.25 -24.57 17.05
CA ARG B 188 -2.17 -25.40 17.85
C ARG B 188 -3.64 -24.94 17.76
N PRO B 189 -4.61 -25.90 17.83
CA PRO B 189 -4.53 -27.36 17.98
C PRO B 189 -4.11 -28.11 16.70
N PRO B 190 -3.61 -29.36 16.82
CA PRO B 190 -3.23 -30.13 15.62
C PRO B 190 -4.41 -30.50 14.72
N SER B 191 -5.60 -30.63 15.32
CA SER B 191 -6.85 -30.84 14.58
C SER B 191 -7.86 -29.78 14.99
N TRP B 192 -8.37 -29.05 13.99
CA TRP B 192 -9.33 -27.97 14.21
C TRP B 192 -10.42 -27.98 13.15
N ARG B 193 -11.67 -28.05 13.61
CA ARG B 193 -12.89 -28.14 12.77
C ARG B 193 -12.90 -29.31 11.78
N GLY B 194 -12.10 -30.34 12.06
CA GLY B 194 -11.94 -31.49 11.18
C GLY B 194 -10.82 -31.34 10.16
N MET B 195 -10.02 -30.28 10.30
CA MET B 195 -8.84 -30.05 9.47
C MET B 195 -7.57 -30.26 10.28
N ASP B 196 -6.74 -31.18 9.80
CA ASP B 196 -5.50 -31.54 10.48
C ASP B 196 -4.32 -30.71 9.96
N VAL B 197 -3.41 -30.38 10.87
CA VAL B 197 -2.10 -29.82 10.52
C VAL B 197 -1.33 -30.92 9.80
N PRO B 198 -0.76 -30.63 8.59
CA PRO B 198 0.03 -31.59 7.82
C PRO B 198 0.99 -32.42 8.70
N PRO B 199 0.80 -33.76 8.74
CA PRO B 199 1.47 -34.70 9.67
C PRO B 199 3.00 -34.64 9.69
N VAL B 200 3.60 -34.15 8.60
CA VAL B 200 5.06 -33.98 8.49
C VAL B 200 5.61 -32.93 9.46
N LEU B 201 4.82 -31.91 9.76
CA LEU B 201 5.19 -30.83 10.69
C LEU B 201 5.15 -31.27 12.16
N LEU B 202 4.32 -32.28 12.43
CA LEU B 202 4.19 -32.86 13.77
C LEU B 202 5.24 -33.94 14.08
N SER B 203 5.80 -34.52 13.02
CA SER B 203 6.74 -35.65 13.11
C SER B 203 8.09 -35.30 13.75
N GLY B 204 8.48 -34.04 13.64
CA GLY B 204 9.74 -33.55 14.21
C GLY B 204 10.99 -33.92 13.43
N ASP B 205 10.82 -34.18 12.14
CA ASP B 205 11.93 -34.47 11.23
C ASP B 205 12.29 -33.20 10.45
N HIS B 206 13.37 -32.54 10.88
CA HIS B 206 13.81 -31.25 10.33
C HIS B 206 14.08 -31.26 8.82
N ALA B 207 14.66 -32.36 8.33
CA ALA B 207 14.96 -32.55 6.91
C ALA B 207 13.71 -32.73 6.05
N LYS B 208 12.71 -33.43 6.60
CA LYS B 208 11.42 -33.64 5.94
C LYS B 208 10.51 -32.41 6.00
N ILE B 209 10.62 -31.64 7.10
CA ILE B 209 9.90 -30.38 7.28
C ILE B 209 10.39 -29.33 6.26
N ALA B 210 11.71 -29.18 6.16
CA ALA B 210 12.34 -28.26 5.20
C ALA B 210 12.06 -28.60 3.74
N ALA B 211 12.03 -29.90 3.44
CA ALA B 211 11.70 -30.40 2.10
C ALA B 211 10.25 -30.16 1.72
N TRP B 212 9.35 -30.29 2.70
CA TRP B 212 7.92 -30.04 2.51
C TRP B 212 7.63 -28.55 2.36
N ARG B 213 8.26 -27.73 3.21
CA ARG B 213 8.10 -26.27 3.18
C ARG B 213 8.60 -25.64 1.88
N ALA B 214 9.73 -26.14 1.37
CA ALA B 214 10.28 -25.73 0.08
C ALA B 214 9.36 -26.14 -1.07
N GLU B 215 8.78 -27.35 -0.98
CA GLU B 215 7.80 -27.85 -1.94
C GLU B 215 6.54 -27.00 -1.96
N GLN B 216 6.06 -26.62 -0.77
CA GLN B 216 4.86 -25.80 -0.63
C GLN B 216 5.05 -24.37 -1.13
N SER B 217 6.26 -23.83 -0.91
CA SER B 217 6.65 -22.50 -1.35
CA SER B 217 6.64 -22.50 -1.35
C SER B 217 6.72 -22.42 -2.88
N ARG B 218 7.33 -23.43 -3.48
CA ARG B 218 7.51 -23.49 -4.94
C ARG B 218 6.21 -23.79 -5.70
N GLN B 219 5.31 -24.55 -5.06
CA GLN B 219 3.98 -24.82 -5.61
C GLN B 219 3.09 -23.57 -5.54
N ARG B 220 3.28 -22.77 -4.49
CA ARG B 220 2.55 -21.51 -4.30
C ARG B 220 3.04 -20.42 -5.25
N THR B 221 4.36 -20.34 -5.45
CA THR B 221 4.97 -19.36 -6.35
C THR B 221 4.58 -19.62 -7.83
N ILE B 222 4.50 -20.89 -8.22
CA ILE B 222 3.99 -21.28 -9.54
C ILE B 222 2.54 -20.82 -9.75
N GLU B 223 1.71 -21.05 -8.73
CA GLU B 223 0.27 -20.76 -8.79
C GLU B 223 -0.06 -19.27 -8.74
N ARG B 224 0.57 -18.55 -7.81
CA ARG B 224 0.19 -17.17 -7.48
C ARG B 224 1.05 -16.08 -8.15
N ARG B 225 2.36 -16.31 -8.20
CA ARG B 225 3.30 -15.35 -8.78
C ARG B 225 4.30 -16.03 -9.73
N PRO B 226 3.83 -16.51 -10.91
CA PRO B 226 4.72 -17.27 -11.80
C PRO B 226 5.86 -16.44 -12.40
N ASP B 227 5.71 -15.11 -12.36
CA ASP B 227 6.72 -14.15 -12.83
C ASP B 227 8.05 -14.21 -12.05
N LEU B 228 7.97 -14.51 -10.76
CA LEU B 228 9.14 -14.62 -9.87
C LEU B 228 10.07 -15.77 -10.26
N LEU B 229 9.50 -16.85 -10.78
CA LEU B 229 10.27 -18.00 -11.28
C LEU B 229 10.57 -17.91 -12.78
N GLY B 230 10.11 -16.82 -13.40
CA GLY B 230 10.38 -16.55 -14.82
C GLY B 230 9.40 -17.16 -15.79
N PHE B 231 8.11 -17.07 -15.46
CA PHE B 231 7.03 -17.55 -16.33
C PHE B 231 6.02 -16.44 -16.63
N ASP B 232 5.16 -16.68 -17.61
CA ASP B 232 4.14 -15.71 -18.04
C ASP B 232 3.02 -15.55 -17.02
N SER B 233 2.65 -14.29 -16.76
CA SER B 233 1.54 -13.94 -15.88
C SER B 233 0.20 -14.29 -16.53
N PRO B 234 -0.80 -14.75 -15.72
CA PRO B 234 -2.13 -15.06 -16.27
C PRO B 234 -2.93 -13.82 -16.70
C10 JCE C . 2.28 -9.57 7.15
C13 JCE C . 5.08 -11.23 7.84
C15 JCE C . 4.90 -13.29 6.72
C17 JCE C . 7.12 -12.49 7.38
C20 JCE C . 0.82 -10.39 8.65
C21 JCE C . 2.71 -8.97 5.92
C22 JCE C . 1.63 -8.10 2.40
N01 JCE C . 2.14 -7.23 0.09
C02 JCE C . 2.39 -7.38 1.49
N03 JCE C . 3.43 -6.85 2.17
N04 JCE C . 3.30 -7.24 3.47
C05 JCE C . 2.23 -7.98 3.62
C06 JCE C . 1.76 -8.60 4.94
C07 JCE C . 0.38 -8.84 5.16
C08 JCE C . -0.04 -9.43 6.36
C09 JCE C . 0.91 -9.79 7.36
N11 JCE C . 2.97 -10.01 8.26
C12 JCE C . 4.40 -9.97 8.45
N14 JCE C . 4.35 -12.18 7.26
C16 JCE C . 6.28 -13.48 6.77
C18 JCE C . 6.48 -11.33 7.93
C19 JCE C . 2.12 -10.50 9.17
C10 JCE D . -1.63 9.83 -6.02
C13 JCE D . -3.61 10.35 -8.67
C15 JCE D . -2.16 10.39 -10.52
C17 JCE D . -4.54 10.10 -10.91
C20 JCE D . -1.09 11.90 -5.35
C21 JCE D . -1.49 8.42 -6.20
C22 JCE D . 0.99 5.55 -5.97
N01 JCE D . 1.55 3.12 -6.30
C02 JCE D . 0.67 4.21 -6.15
N03 JCE D . -0.69 4.13 -6.15
N04 JCE D . -1.17 5.38 -5.99
C05 JCE D . -0.19 6.25 -5.87
C06 JCE D . -0.36 7.75 -5.68
C07 JCE D . 0.64 8.49 -5.00
C08 JCE D . 0.50 9.88 -4.82
C09 JCE D . -0.65 10.54 -5.35
N11 JCE D . -2.62 10.73 -6.41
C12 JCE D . -3.84 10.43 -7.14
N14 JCE D . -2.38 10.46 -9.18
C16 JCE D . -3.21 10.21 -11.41
C18 JCE D . -4.73 10.17 -9.49
C19 JCE D . -2.30 11.96 -6.01
S SO4 E . 21.12 9.78 -7.89
O1 SO4 E . 19.87 10.43 -7.45
O2 SO4 E . 22.04 10.81 -8.43
O3 SO4 E . 21.76 9.12 -6.73
O4 SO4 E . 20.84 8.78 -8.94
#